data_7QGD
#
_entry.id   7QGD
#
_cell.length_a   129.538
_cell.length_b   129.538
_cell.length_c   60.891
_cell.angle_alpha   90.000
_cell.angle_beta   90.000
_cell.angle_gamma   90.000
#
_symmetry.space_group_name_H-M   'P 42 21 2'
#
loop_
_entity.id
_entity.type
_entity.pdbx_description
1 polymer 'Casein kinase II subunit alpha'
2 non-polymer 5,6-DIBROMOBENZOTRIAZOLE
3 non-polymer 'CHLORIDE ION'
4 non-polymer DI(HYDROXYETHYL)ETHER
5 non-polymer 'TETRAETHYLENE GLYCOL'
6 non-polymer 'TRIETHYLENE GLYCOL'
7 water water
#
_entity_poly.entity_id   1
_entity_poly.type   'polypeptide(L)'
_entity_poly.pdbx_seq_one_letter_code
;MSGPVPSRARVYTDVNTHRPREYWDYESHVVEWGNQDDYQLVRKLGRGKYSEVFEAINITNNEKVVVKILKPVKKKKIKR
EIKILENLRGGPNIITLADIVKDPVSRTPALVFEHVNNTDFKQLYQTLTDYDIRFYMYEILKALDYCHSMGIMHRDVKPH
NVMIDHEHRKLRLIDWGLAEFYHPGQEYNVRVASRYFKGPELLVDYQMYDYSLDMWSLGCMLASMIFRKEPFFHGHDNYD
QLVRIAKVLGTEDLYDYIDKYNIELDPRFNDILGRHSRKRWERFVHSENQHLVSPEALDFLDKLLRYDHQSRLTAREAME
HPYFYTVVKDQARMGSSSMPGGSTPVSSANMMSGISSVPTPSPLGPLAGSPVIAAANPLGMPVPAAAGAQQLEHHHHHH
;
_entity_poly.pdbx_strand_id   A
#
loop_
_chem_comp.id
_chem_comp.type
_chem_comp.name
_chem_comp.formula
7M0 non-polymer 5,6-DIBROMOBENZOTRIAZOLE 'C6 H3 Br2 N3'
CL non-polymer 'CHLORIDE ION' 'Cl -1'
PEG non-polymer DI(HYDROXYETHYL)ETHER 'C4 H10 O3'
PG4 non-polymer 'TETRAETHYLENE GLYCOL' 'C8 H18 O5'
PGE non-polymer 'TRIETHYLENE GLYCOL' 'C6 H14 O4'
#
# COMPACT_ATOMS: atom_id res chain seq x y z
N SER A 2 23.95 -9.70 19.10
CA SER A 2 23.39 -11.08 18.98
C SER A 2 22.46 -11.19 17.76
N GLY A 3 21.13 -11.15 17.98
CA GLY A 3 20.16 -11.12 16.87
C GLY A 3 19.73 -9.70 16.60
N PRO A 4 18.76 -9.51 15.69
CA PRO A 4 18.25 -8.16 15.41
C PRO A 4 17.50 -7.57 16.60
N VAL A 5 17.59 -6.26 16.75
CA VAL A 5 16.96 -5.54 17.86
C VAL A 5 15.45 -5.44 17.56
N PRO A 6 14.61 -5.67 18.59
CA PRO A 6 13.15 -5.62 18.37
C PRO A 6 12.62 -4.22 18.08
N SER A 7 11.46 -4.18 17.43
CA SER A 7 10.82 -2.94 17.04
C SER A 7 9.33 -3.07 17.28
N ARG A 8 8.70 -1.95 17.65
N ARG A 8 8.70 -1.95 17.65
CA ARG A 8 7.26 -1.87 17.83
CA ARG A 8 7.25 -1.87 17.81
C ARG A 8 6.77 -0.64 17.06
C ARG A 8 6.77 -0.64 17.06
N ALA A 9 5.53 -0.70 16.59
CA ALA A 9 4.91 0.44 15.88
C ALA A 9 4.72 1.64 16.82
N ARG A 10 4.95 2.85 16.31
CA ARG A 10 4.75 4.09 17.09
C ARG A 10 3.29 4.38 17.39
N VAL A 11 2.40 3.96 16.48
CA VAL A 11 0.97 4.14 16.65
C VAL A 11 0.25 2.84 16.52
N TYR A 12 -0.95 2.80 17.12
CA TYR A 12 -1.86 1.65 16.99
C TYR A 12 -1.19 0.32 17.33
N THR A 13 -0.31 0.36 18.32
CA THR A 13 0.60 -0.75 18.61
C THR A 13 -0.17 -1.99 19.05
N ASP A 14 -1.12 -1.79 19.96
CA ASP A 14 -1.80 -2.87 20.67
C ASP A 14 -3.29 -3.02 20.31
N VAL A 15 -3.73 -2.43 19.20
CA VAL A 15 -5.17 -2.42 18.88
C VAL A 15 -5.77 -3.82 18.67
N ASN A 16 -5.03 -4.73 18.08
CA ASN A 16 -5.54 -6.10 17.92
C ASN A 16 -5.58 -6.89 19.25
N THR A 17 -4.64 -6.63 20.15
CA THR A 17 -4.63 -7.25 21.48
C THR A 17 -5.89 -6.92 22.28
N HIS A 18 -6.35 -5.67 22.18
CA HIS A 18 -7.55 -5.22 22.88
C HIS A 18 -8.86 -5.62 22.22
N ARG A 19 -8.80 -6.15 20.99
CA ARG A 19 -9.97 -6.69 20.31
C ARG A 19 -10.32 -8.07 20.86
N PRO A 20 -11.56 -8.53 20.63
CA PRO A 20 -11.82 -9.95 20.82
C PRO A 20 -10.96 -10.75 19.85
N ARG A 21 -10.59 -11.97 20.28
CA ARG A 21 -9.82 -12.91 19.47
C ARG A 21 -10.33 -13.07 18.03
N GLU A 22 -11.64 -13.19 17.87
N GLU A 22 -11.64 -13.19 17.88
CA GLU A 22 -12.27 -13.41 16.57
CA GLU A 22 -12.29 -13.38 16.58
C GLU A 22 -12.02 -12.29 15.53
C GLU A 22 -11.93 -12.31 15.54
N TYR A 23 -11.68 -11.08 15.98
CA TYR A 23 -11.35 -9.97 15.08
C TYR A 23 -10.13 -10.24 14.19
N TRP A 24 -9.07 -10.78 14.77
CA TRP A 24 -7.79 -10.98 14.06
C TRP A 24 -7.42 -12.44 13.81
N ASP A 25 -8.11 -13.37 14.47
CA ASP A 25 -7.76 -14.80 14.40
C ASP A 25 -8.46 -15.40 13.19
N TYR A 26 -7.98 -15.01 12.01
CA TYR A 26 -8.69 -15.29 10.75
C TYR A 26 -8.77 -16.78 10.40
N GLU A 27 -7.83 -17.58 10.91
CA GLU A 27 -7.89 -19.06 10.75
C GLU A 27 -9.18 -19.69 11.32
N SER A 28 -9.72 -19.11 12.39
CA SER A 28 -10.96 -19.59 13.03
C SER A 28 -12.25 -19.04 12.42
N HIS A 29 -12.14 -18.11 11.47
CA HIS A 29 -13.30 -17.51 10.81
C HIS A 29 -14.07 -18.57 10.01
N VAL A 30 -15.39 -18.61 10.19
CA VAL A 30 -16.26 -19.48 9.39
C VAL A 30 -17.00 -18.61 8.37
N VAL A 31 -16.88 -18.99 7.11
CA VAL A 31 -17.48 -18.26 6.00
C VAL A 31 -18.80 -18.94 5.64
N GLU A 32 -19.88 -18.15 5.59
CA GLU A 32 -21.10 -18.56 4.90
C GLU A 32 -20.88 -18.29 3.40
N TRP A 33 -20.55 -19.34 2.66
CA TRP A 33 -20.29 -19.23 1.22
C TRP A 33 -21.59 -19.11 0.45
N GLY A 34 -21.73 -18.02 -0.31
CA GLY A 34 -22.88 -17.80 -1.18
C GLY A 34 -22.84 -18.62 -2.47
N ASN A 35 -23.84 -18.38 -3.31
CA ASN A 35 -23.97 -19.06 -4.59
C ASN A 35 -23.56 -18.14 -5.73
N GLN A 36 -22.58 -18.57 -6.51
N GLN A 36 -22.53 -18.52 -6.48
CA GLN A 36 -22.11 -17.83 -7.66
CA GLN A 36 -22.04 -17.72 -7.62
C GLN A 36 -23.13 -17.75 -8.80
C GLN A 36 -23.10 -17.49 -8.72
N ASP A 37 -24.21 -18.56 -8.79
N ASP A 37 -24.08 -18.44 -8.82
CA ASP A 37 -25.24 -18.38 -9.78
C ASP A 37 -26.16 -17.16 -9.56
N ASP A 38 -26.04 -16.45 -8.42
CA ASP A 38 -26.61 -15.10 -8.30
C ASP A 38 -25.95 -14.09 -9.24
N TYR A 39 -24.75 -14.41 -9.73
CA TYR A 39 -23.94 -13.51 -10.55
C TYR A 39 -23.68 -14.11 -11.92
N GLN A 40 -23.56 -13.25 -12.92
CA GLN A 40 -23.15 -13.67 -14.25
C GLN A 40 -22.01 -12.79 -14.70
N LEU A 41 -20.93 -13.42 -15.15
CA LEU A 41 -19.74 -12.68 -15.57
C LEU A 41 -19.99 -12.05 -16.93
N VAL A 42 -19.66 -10.76 -17.04
CA VAL A 42 -19.87 -9.97 -18.25
C VAL A 42 -18.62 -9.99 -19.13
N ARG A 43 -17.47 -9.67 -18.52
CA ARG A 43 -16.20 -9.58 -19.24
C ARG A 43 -15.02 -9.58 -18.27
N LYS A 44 -13.86 -9.99 -18.79
CA LYS A 44 -12.63 -10.02 -18.01
C LYS A 44 -12.04 -8.61 -17.95
N LEU A 45 -11.60 -8.20 -16.77
CA LEU A 45 -11.00 -6.89 -16.58
C LEU A 45 -9.48 -7.04 -16.61
N GLY A 46 -8.82 -6.12 -17.33
CA GLY A 46 -7.37 -6.16 -17.50
C GLY A 46 -6.67 -5.79 -16.21
N ARG A 47 -6.06 -6.79 -15.57
CA ARG A 47 -5.38 -6.64 -14.28
C ARG A 47 -4.01 -7.37 -14.25
N GLY A 48 -3.40 -7.57 -15.43
CA GLY A 48 -2.13 -8.32 -15.54
C GLY A 48 -2.29 -9.83 -15.49
N LYS A 49 -1.16 -10.54 -15.43
CA LYS A 49 -1.11 -12.00 -15.55
C LYS A 49 -1.58 -12.76 -14.30
N TYR A 50 -1.25 -12.26 -13.10
CA TYR A 50 -1.80 -12.83 -11.85
C TYR A 50 -3.09 -12.08 -11.47
N SER A 51 -4.14 -12.31 -12.27
CA SER A 51 -5.46 -11.79 -11.98
C SER A 51 -6.55 -12.59 -12.68
N GLU A 52 -7.58 -12.94 -11.92
CA GLU A 52 -8.85 -13.37 -12.48
C GLU A 52 -9.93 -12.44 -11.90
N VAL A 53 -10.03 -11.25 -12.50
CA VAL A 53 -10.99 -10.23 -12.10
C VAL A 53 -11.93 -9.91 -13.27
N PHE A 54 -13.22 -9.84 -12.97
CA PHE A 54 -14.28 -9.71 -13.97
C PHE A 54 -15.31 -8.68 -13.54
N GLU A 55 -15.83 -7.94 -14.52
CA GLU A 55 -17.10 -7.25 -14.35
C GLU A 55 -18.20 -8.32 -14.38
N ALA A 56 -19.22 -8.12 -13.56
CA ALA A 56 -20.33 -9.07 -13.49
C ALA A 56 -21.60 -8.34 -13.15
N ILE A 57 -22.72 -9.07 -13.24
N ILE A 57 -22.71 -9.07 -13.25
CA ILE A 57 -24.03 -8.53 -12.91
CA ILE A 57 -24.05 -8.58 -12.93
C ILE A 57 -24.71 -9.46 -11.91
C ILE A 57 -24.68 -9.48 -11.88
N ASN A 58 -25.14 -8.89 -10.79
CA ASN A 58 -25.95 -9.60 -9.81
C ASN A 58 -27.34 -9.70 -10.43
N ILE A 59 -27.74 -10.91 -10.81
CA ILE A 59 -29.01 -11.10 -11.54
C ILE A 59 -30.28 -11.00 -10.66
N THR A 60 -30.13 -10.96 -9.34
CA THR A 60 -31.26 -10.75 -8.43
C THR A 60 -31.77 -9.30 -8.48
N ASN A 61 -30.85 -8.33 -8.63
CA ASN A 61 -31.17 -6.90 -8.61
C ASN A 61 -30.60 -6.07 -9.78
N ASN A 62 -30.09 -6.74 -10.83
CA ASN A 62 -29.47 -6.09 -12.00
C ASN A 62 -28.29 -5.12 -11.72
N GLU A 63 -27.66 -5.27 -10.55
CA GLU A 63 -26.64 -4.33 -10.11
C GLU A 63 -25.27 -4.80 -10.60
N LYS A 64 -24.48 -3.88 -11.13
CA LYS A 64 -23.11 -4.16 -11.58
C LYS A 64 -22.22 -4.44 -10.37
N VAL A 65 -21.37 -5.46 -10.49
CA VAL A 65 -20.38 -5.80 -9.47
C VAL A 65 -19.07 -6.20 -10.12
N VAL A 66 -18.03 -6.32 -9.30
CA VAL A 66 -16.74 -6.86 -9.70
C VAL A 66 -16.54 -8.17 -8.95
N VAL A 67 -16.09 -9.20 -9.67
CA VAL A 67 -15.82 -10.50 -9.08
C VAL A 67 -14.33 -10.80 -9.24
N LYS A 68 -13.74 -11.31 -8.16
CA LYS A 68 -12.33 -11.70 -8.14
C LYS A 68 -12.29 -13.18 -7.80
N ILE A 69 -11.83 -14.01 -8.74
CA ILE A 69 -11.71 -15.45 -8.52
C ILE A 69 -10.38 -15.64 -7.81
N LEU A 70 -10.43 -16.22 -6.61
CA LEU A 70 -9.22 -16.43 -5.83
C LEU A 70 -8.46 -17.59 -6.42
N LYS A 71 -7.33 -17.28 -7.06
CA LYS A 71 -6.47 -18.30 -7.65
C LYS A 71 -6.01 -19.30 -6.59
N PRO A 72 -5.77 -20.56 -7.01
CA PRO A 72 -5.37 -21.57 -6.04
C PRO A 72 -4.22 -21.07 -5.15
N VAL A 73 -4.47 -21.12 -3.84
CA VAL A 73 -3.61 -20.52 -2.84
C VAL A 73 -4.01 -21.15 -1.51
N LYS A 74 -3.16 -21.07 -0.49
CA LYS A 74 -3.45 -21.66 0.83
C LYS A 74 -4.78 -21.10 1.36
N LYS A 75 -5.60 -21.97 1.96
CA LYS A 75 -6.89 -21.55 2.54
C LYS A 75 -6.70 -20.47 3.62
N LYS A 76 -5.53 -20.48 4.26
CA LYS A 76 -5.09 -19.44 5.19
C LYS A 76 -5.21 -18.04 4.59
N LYS A 77 -4.62 -17.83 3.41
CA LYS A 77 -4.69 -16.56 2.66
C LYS A 77 -6.11 -16.08 2.37
N ILE A 78 -6.98 -17.03 2.04
CA ILE A 78 -8.35 -16.73 1.62
C ILE A 78 -9.14 -16.15 2.79
N LYS A 79 -9.10 -16.81 3.94
CA LYS A 79 -9.80 -16.31 5.12
C LYS A 79 -9.21 -14.98 5.61
N ARG A 80 -7.90 -14.82 5.43
CA ARG A 80 -7.23 -13.60 5.82
C ARG A 80 -7.75 -12.40 5.02
N GLU A 81 -7.80 -12.52 3.70
CA GLU A 81 -8.33 -11.44 2.85
C GLU A 81 -9.81 -11.18 3.17
N ILE A 82 -10.59 -12.24 3.34
CA ILE A 82 -12.00 -12.12 3.70
C ILE A 82 -12.19 -11.37 5.02
N LYS A 83 -11.49 -11.80 6.06
N LYS A 83 -11.49 -11.82 6.06
CA LYS A 83 -11.64 -11.22 7.40
CA LYS A 83 -11.59 -11.24 7.40
C LYS A 83 -11.18 -9.75 7.43
C LYS A 83 -11.19 -9.77 7.42
N ILE A 84 -10.09 -9.45 6.73
CA ILE A 84 -9.61 -8.07 6.62
C ILE A 84 -10.64 -7.19 5.92
N LEU A 85 -11.15 -7.64 4.79
CA LEU A 85 -12.16 -6.87 4.03
C LEU A 85 -13.46 -6.67 4.83
N GLU A 86 -13.90 -7.71 5.53
CA GLU A 86 -15.06 -7.59 6.41
C GLU A 86 -14.81 -6.62 7.57
N ASN A 87 -13.63 -6.68 8.18
CA ASN A 87 -13.26 -5.76 9.26
C ASN A 87 -13.18 -4.32 8.81
N LEU A 88 -12.69 -4.08 7.59
CA LEU A 88 -12.57 -2.73 7.05
C LEU A 88 -13.81 -2.22 6.32
N ARG A 89 -14.85 -3.05 6.20
CA ARG A 89 -16.03 -2.69 5.39
C ARG A 89 -16.65 -1.36 5.87
N GLY A 90 -16.92 -0.48 4.92
CA GLY A 90 -17.46 0.85 5.20
C GLY A 90 -16.44 1.91 5.62
N GLY A 91 -15.14 1.57 5.65
CA GLY A 91 -14.11 2.55 5.98
C GLY A 91 -13.83 3.49 4.82
N PRO A 92 -13.29 4.69 5.10
CA PRO A 92 -13.06 5.66 4.03
C PRO A 92 -12.13 5.13 2.93
N ASN A 93 -12.62 5.15 1.70
CA ASN A 93 -11.87 4.76 0.51
C ASN A 93 -11.36 3.33 0.52
N ILE A 94 -12.05 2.46 1.26
CA ILE A 94 -11.80 1.03 1.26
C ILE A 94 -12.84 0.40 0.36
N ILE A 95 -12.40 -0.44 -0.57
CA ILE A 95 -13.31 -1.21 -1.41
C ILE A 95 -14.24 -2.06 -0.54
N THR A 96 -15.52 -2.07 -0.93
CA THR A 96 -16.59 -2.76 -0.21
C THR A 96 -16.79 -4.17 -0.72
N LEU A 97 -16.54 -5.16 0.16
CA LEU A 97 -16.86 -6.55 -0.12
C LEU A 97 -18.36 -6.76 0.03
N ALA A 98 -19.00 -7.17 -1.06
CA ALA A 98 -20.45 -7.33 -1.11
C ALA A 98 -20.90 -8.77 -0.86
N ASP A 99 -20.13 -9.74 -1.32
CA ASP A 99 -20.50 -11.14 -1.19
C ASP A 99 -19.28 -12.04 -1.30
N ILE A 100 -19.45 -13.27 -0.81
CA ILE A 100 -18.42 -14.30 -0.84
C ILE A 100 -19.12 -15.54 -1.38
N VAL A 101 -18.62 -16.11 -2.47
CA VAL A 101 -19.29 -17.23 -3.13
C VAL A 101 -18.31 -18.31 -3.58
N LYS A 102 -18.88 -19.48 -3.87
CA LYS A 102 -18.15 -20.60 -4.45
C LYS A 102 -18.91 -21.05 -5.70
N ASP A 103 -18.15 -21.36 -6.75
CA ASP A 103 -18.70 -22.01 -7.93
C ASP A 103 -19.17 -23.42 -7.52
N PRO A 104 -20.45 -23.76 -7.79
CA PRO A 104 -21.00 -25.08 -7.40
C PRO A 104 -20.20 -26.29 -7.89
N VAL A 105 -19.82 -26.27 -9.16
CA VAL A 105 -19.05 -27.36 -9.78
C VAL A 105 -17.58 -27.29 -9.35
N SER A 106 -16.94 -26.16 -9.67
CA SER A 106 -15.49 -25.97 -9.46
C SER A 106 -15.06 -25.90 -7.98
N ARG A 107 -15.95 -25.43 -7.10
CA ARG A 107 -15.68 -25.19 -5.67
C ARG A 107 -14.61 -24.11 -5.40
N THR A 108 -14.28 -23.32 -6.42
CA THR A 108 -13.24 -22.30 -6.30
C THR A 108 -13.88 -21.07 -5.67
N PRO A 109 -13.24 -20.49 -4.65
CA PRO A 109 -13.82 -19.31 -4.00
C PRO A 109 -13.63 -18.03 -4.82
N ALA A 110 -14.62 -17.14 -4.74
CA ALA A 110 -14.55 -15.83 -5.39
C ALA A 110 -15.14 -14.75 -4.50
N LEU A 111 -14.55 -13.57 -4.57
CA LEU A 111 -15.01 -12.41 -3.81
C LEU A 111 -15.80 -11.50 -4.73
N VAL A 112 -16.87 -10.93 -4.22
CA VAL A 112 -17.73 -10.01 -4.96
C VAL A 112 -17.64 -8.62 -4.33
N PHE A 113 -17.19 -7.64 -5.11
CA PHE A 113 -17.01 -6.27 -4.65
C PHE A 113 -18.01 -5.32 -5.28
N GLU A 114 -18.19 -4.17 -4.62
N GLU A 114 -18.24 -4.18 -4.63
CA GLU A 114 -18.86 -3.00 -5.20
CA GLU A 114 -19.06 -3.13 -5.24
C GLU A 114 -18.27 -2.69 -6.56
C GLU A 114 -18.33 -2.57 -6.46
N HIS A 115 -19.09 -2.21 -7.49
CA HIS A 115 -18.56 -1.85 -8.79
C HIS A 115 -17.67 -0.62 -8.72
N VAL A 116 -16.54 -0.70 -9.42
CA VAL A 116 -15.75 0.47 -9.78
C VAL A 116 -15.38 0.34 -11.26
N ASN A 117 -15.08 1.46 -11.90
CA ASN A 117 -14.51 1.45 -13.24
C ASN A 117 -13.09 0.92 -13.13
N ASN A 118 -12.64 0.17 -14.14
CA ASN A 118 -11.28 -0.36 -14.14
C ASN A 118 -10.25 0.69 -14.58
N THR A 119 -10.25 1.84 -13.90
CA THR A 119 -9.29 2.91 -14.17
C THR A 119 -8.46 3.10 -12.90
N ASP A 120 -7.29 2.47 -12.89
CA ASP A 120 -6.38 2.56 -11.74
C ASP A 120 -5.56 3.84 -11.79
N PHE A 121 -4.86 4.12 -10.70
CA PHE A 121 -4.10 5.36 -10.51
C PHE A 121 -2.89 5.45 -11.44
N LYS A 122 -2.25 4.31 -11.73
CA LYS A 122 -1.14 4.21 -12.70
C LYS A 122 -1.45 4.89 -14.05
N GLN A 123 -2.68 4.73 -14.54
CA GLN A 123 -3.08 5.30 -15.84
C GLN A 123 -3.26 6.81 -15.82
N LEU A 124 -3.54 7.37 -14.64
CA LEU A 124 -3.82 8.80 -14.46
C LEU A 124 -2.67 9.57 -13.81
N TYR A 125 -1.85 8.90 -12.99
CA TYR A 125 -0.98 9.59 -12.02
C TYR A 125 0.27 10.30 -12.57
N GLN A 126 0.57 10.13 -13.86
CA GLN A 126 1.61 10.92 -14.53
C GLN A 126 1.05 12.11 -15.34
N THR A 127 -0.23 12.47 -15.15
CA THR A 127 -0.87 13.58 -15.90
C THR A 127 -1.69 14.55 -15.01
N LEU A 128 -1.43 14.55 -13.71
CA LEU A 128 -2.27 15.29 -12.76
C LEU A 128 -1.73 16.71 -12.53
N THR A 129 -2.62 17.63 -12.20
CA THR A 129 -2.20 18.94 -11.68
C THR A 129 -1.58 18.77 -10.30
N ASP A 130 -0.83 19.79 -9.87
CA ASP A 130 -0.29 19.87 -8.51
C ASP A 130 -1.39 19.62 -7.49
N TYR A 131 -2.50 20.35 -7.63
CA TYR A 131 -3.64 20.21 -6.71
C TYR A 131 -4.20 18.80 -6.63
N ASP A 132 -4.36 18.13 -7.77
CA ASP A 132 -4.93 16.79 -7.83
C ASP A 132 -4.02 15.72 -7.22
N ILE A 133 -2.69 15.91 -7.31
CA ILE A 133 -1.75 15.02 -6.62
C ILE A 133 -1.98 15.13 -5.11
N ARG A 134 -2.10 16.35 -4.61
CA ARG A 134 -2.37 16.57 -3.19
C ARG A 134 -3.71 15.99 -2.77
N PHE A 135 -4.73 16.22 -3.60
CA PHE A 135 -6.07 15.71 -3.34
C PHE A 135 -6.11 14.19 -3.22
N TYR A 136 -5.56 13.49 -4.21
CA TYR A 136 -5.62 12.03 -4.22
C TYR A 136 -4.65 11.38 -3.23
N MET A 137 -3.50 12.01 -3.00
CA MET A 137 -2.62 11.58 -1.91
C MET A 137 -3.33 11.64 -0.57
N TYR A 138 -4.11 12.70 -0.35
CA TYR A 138 -4.87 12.85 0.90
C TYR A 138 -5.98 11.79 1.05
N GLU A 139 -6.61 11.43 -0.07
CA GLU A 139 -7.61 10.36 -0.08
C GLU A 139 -7.00 8.99 0.22
N ILE A 140 -5.79 8.73 -0.27
CA ILE A 140 -5.10 7.47 0.00
C ILE A 140 -4.75 7.40 1.48
N LEU A 141 -4.27 8.52 2.03
CA LEU A 141 -3.97 8.62 3.45
C LEU A 141 -5.17 8.36 4.37
N LYS A 142 -6.38 8.74 3.94
CA LYS A 142 -7.59 8.37 4.70
C LYS A 142 -7.74 6.85 4.82
N ALA A 143 -7.53 6.15 3.71
CA ALA A 143 -7.66 4.70 3.71
C ALA A 143 -6.58 4.05 4.58
N LEU A 144 -5.33 4.53 4.45
CA LEU A 144 -4.22 4.01 5.24
C LEU A 144 -4.34 4.28 6.73
N ASP A 145 -4.64 5.52 7.13
CA ASP A 145 -4.86 5.81 8.55
C ASP A 145 -5.96 4.90 9.08
N TYR A 146 -7.04 4.75 8.30
CA TYR A 146 -8.13 3.89 8.73
C TYR A 146 -7.72 2.44 8.95
N CYS A 147 -7.13 1.80 7.94
CA CYS A 147 -6.76 0.38 8.06
C CYS A 147 -5.69 0.18 9.15
N HIS A 148 -4.73 1.11 9.25
CA HIS A 148 -3.75 1.08 10.35
C HIS A 148 -4.41 1.16 11.73
N SER A 149 -5.33 2.12 11.88
CA SER A 149 -6.12 2.28 13.11
C SER A 149 -6.92 1.04 13.45
N MET A 150 -7.31 0.29 12.42
CA MET A 150 -8.02 -0.97 12.56
C MET A 150 -7.07 -2.18 12.70
N GLY A 151 -5.78 -1.93 12.90
CA GLY A 151 -4.80 -2.98 13.18
C GLY A 151 -4.30 -3.75 11.98
N ILE A 152 -4.40 -3.15 10.80
CA ILE A 152 -4.10 -3.84 9.54
C ILE A 152 -3.11 -3.02 8.69
N MET A 153 -2.13 -3.71 8.12
CA MET A 153 -1.22 -3.11 7.16
C MET A 153 -1.51 -3.71 5.78
N HIS A 154 -1.49 -2.87 4.75
CA HIS A 154 -1.90 -3.28 3.40
C HIS A 154 -0.81 -4.11 2.71
N ARG A 155 0.41 -3.59 2.73
CA ARG A 155 1.66 -4.26 2.27
C ARG A 155 1.87 -4.36 0.78
N ASP A 156 1.03 -3.70 0.01
CA ASP A 156 1.10 -3.74 -1.44
C ASP A 156 0.54 -2.45 -1.99
N VAL A 157 0.92 -1.34 -1.36
CA VAL A 157 0.44 -0.02 -1.77
C VAL A 157 1.24 0.35 -3.02
N LYS A 158 0.54 0.50 -4.13
CA LYS A 158 1.15 0.91 -5.40
C LYS A 158 0.03 1.46 -6.29
N PRO A 159 0.37 2.22 -7.35
CA PRO A 159 -0.65 2.88 -8.18
C PRO A 159 -1.69 1.93 -8.78
N HIS A 160 -1.25 0.73 -9.14
CA HIS A 160 -2.11 -0.32 -9.68
C HIS A 160 -3.20 -0.80 -8.71
N ASN A 161 -3.01 -0.60 -7.40
CA ASN A 161 -4.01 -0.97 -6.37
C ASN A 161 -4.82 0.20 -5.83
N VAL A 162 -4.80 1.33 -6.53
CA VAL A 162 -5.62 2.48 -6.20
C VAL A 162 -6.52 2.73 -7.40
N MET A 163 -7.81 2.41 -7.26
CA MET A 163 -8.81 2.64 -8.30
C MET A 163 -9.39 4.04 -8.17
N ILE A 164 -9.36 4.80 -9.27
CA ILE A 164 -9.83 6.19 -9.29
C ILE A 164 -10.93 6.41 -10.32
N ASP A 165 -12.01 7.03 -9.86
CA ASP A 165 -13.05 7.57 -10.71
C ASP A 165 -12.79 9.07 -10.72
N HIS A 166 -12.03 9.52 -11.70
CA HIS A 166 -11.54 10.89 -11.77
C HIS A 166 -12.65 11.91 -12.06
N GLU A 167 -13.64 11.53 -12.85
CA GLU A 167 -14.85 12.34 -13.07
C GLU A 167 -15.57 12.67 -11.76
N HIS A 168 -15.72 11.68 -10.89
CA HIS A 168 -16.37 11.89 -9.59
C HIS A 168 -15.40 12.14 -8.44
N ARG A 169 -14.11 12.22 -8.72
CA ARG A 169 -13.07 12.48 -7.72
C ARG A 169 -13.16 11.51 -6.54
N LYS A 170 -13.31 10.22 -6.88
CA LYS A 170 -13.46 9.12 -5.92
C LYS A 170 -12.27 8.16 -6.04
N LEU A 171 -11.88 7.60 -4.89
CA LEU A 171 -10.72 6.74 -4.80
C LEU A 171 -11.03 5.54 -3.91
N ARG A 172 -10.53 4.36 -4.33
CA ARG A 172 -10.67 3.13 -3.55
C ARG A 172 -9.35 2.35 -3.53
N LEU A 173 -8.91 1.98 -2.33
CA LEU A 173 -7.74 1.12 -2.16
C LEU A 173 -8.18 -0.33 -2.29
N ILE A 174 -7.60 -1.03 -3.25
CA ILE A 174 -8.00 -2.41 -3.60
C ILE A 174 -6.87 -3.43 -3.35
N ASP A 175 -7.20 -4.69 -3.58
CA ASP A 175 -6.31 -5.86 -3.45
C ASP A 175 -5.65 -5.98 -2.09
N TRP A 176 -6.45 -6.50 -1.16
CA TRP A 176 -6.05 -6.72 0.22
C TRP A 176 -5.51 -8.14 0.43
N GLY A 177 -5.09 -8.79 -0.66
CA GLY A 177 -4.61 -10.17 -0.63
C GLY A 177 -3.27 -10.36 0.05
N LEU A 178 -2.45 -9.31 0.10
CA LEU A 178 -1.21 -9.31 0.90
C LEU A 178 -1.33 -8.65 2.28
N ALA A 179 -2.50 -8.12 2.64
CA ALA A 179 -2.66 -7.41 3.90
C ALA A 179 -2.57 -8.35 5.11
N GLU A 180 -2.08 -7.83 6.22
N GLU A 180 -2.03 -7.84 6.21
CA GLU A 180 -1.87 -8.62 7.43
CA GLU A 180 -1.86 -8.62 7.44
C GLU A 180 -2.20 -7.80 8.67
C GLU A 180 -2.22 -7.80 8.66
N PHE A 181 -2.63 -8.50 9.72
CA PHE A 181 -2.89 -7.88 11.02
C PHE A 181 -1.56 -7.58 11.69
N TYR A 182 -1.41 -6.38 12.25
CA TYR A 182 -0.21 -6.02 12.99
C TYR A 182 -0.31 -6.49 14.45
N HIS A 183 0.72 -7.21 14.88
CA HIS A 183 0.84 -7.73 16.26
C HIS A 183 2.24 -7.41 16.77
N PRO A 184 2.35 -6.72 17.93
CA PRO A 184 3.69 -6.36 18.41
C PRO A 184 4.58 -7.57 18.62
N GLY A 185 5.81 -7.49 18.12
CA GLY A 185 6.75 -8.59 18.22
C GLY A 185 6.67 -9.63 17.11
N GLN A 186 5.67 -9.56 16.22
CA GLN A 186 5.54 -10.58 15.17
C GLN A 186 6.59 -10.34 14.10
N GLU A 187 7.13 -11.43 13.57
CA GLU A 187 8.11 -11.35 12.49
C GLU A 187 7.41 -11.79 11.21
N TYR A 188 7.39 -10.90 10.22
CA TYR A 188 6.59 -11.07 9.02
C TYR A 188 7.43 -11.50 7.84
N ASN A 189 6.76 -12.07 6.85
CA ASN A 189 7.36 -12.42 5.57
C ASN A 189 7.79 -11.13 4.85
N VAL A 190 9.06 -11.07 4.48
CA VAL A 190 9.57 -9.91 3.72
C VAL A 190 9.33 -9.95 2.21
N ARG A 191 8.95 -11.12 1.68
N ARG A 191 8.98 -11.11 1.66
CA ARG A 191 8.61 -11.26 0.27
CA ARG A 191 8.65 -11.20 0.22
C ARG A 191 7.20 -10.76 -0.02
C ARG A 191 7.22 -10.76 -0.02
N VAL A 192 7.01 -9.45 0.11
CA VAL A 192 5.72 -8.81 -0.12
C VAL A 192 5.99 -7.52 -0.89
N ALA A 193 4.94 -6.98 -1.51
CA ALA A 193 5.03 -5.78 -2.35
C ALA A 193 5.79 -5.99 -3.65
N SER A 194 5.61 -5.04 -4.56
CA SER A 194 6.31 -5.07 -5.84
C SER A 194 7.65 -4.36 -5.67
N ARG A 195 8.64 -4.83 -6.44
CA ARG A 195 10.05 -4.46 -6.28
C ARG A 195 10.26 -2.97 -5.99
N TYR A 196 9.64 -2.13 -6.82
CA TYR A 196 9.89 -0.69 -6.78
C TYR A 196 9.35 0.01 -5.54
N PHE A 197 8.40 -0.62 -4.85
CA PHE A 197 7.74 -0.06 -3.68
C PHE A 197 8.15 -0.74 -2.37
N LYS A 198 9.10 -1.68 -2.43
CA LYS A 198 9.56 -2.41 -1.23
C LYS A 198 10.36 -1.49 -0.31
N GLY A 199 9.99 -1.45 0.97
CA GLY A 199 10.73 -0.67 1.95
C GLY A 199 12.10 -1.28 2.22
N PRO A 200 13.06 -0.47 2.69
CA PRO A 200 14.38 -1.01 3.06
C PRO A 200 14.33 -2.19 4.01
N GLU A 201 13.39 -2.19 4.95
CA GLU A 201 13.17 -3.34 5.85
C GLU A 201 12.95 -4.68 5.13
N LEU A 202 12.25 -4.64 4.02
CA LEU A 202 12.03 -5.83 3.21
C LEU A 202 13.32 -6.23 2.51
N LEU A 203 14.02 -5.23 1.99
CA LEU A 203 15.23 -5.44 1.19
C LEU A 203 16.43 -5.96 2.00
N VAL A 204 16.57 -5.50 3.23
CA VAL A 204 17.63 -6.00 4.13
C VAL A 204 17.19 -7.14 5.05
N ASP A 205 15.97 -7.62 4.88
CA ASP A 205 15.45 -8.76 5.63
C ASP A 205 15.27 -8.45 7.13
N TYR A 206 14.71 -7.27 7.42
CA TYR A 206 14.24 -6.96 8.78
C TYR A 206 12.75 -7.29 8.86
N GLN A 207 12.44 -8.33 9.63
CA GLN A 207 11.10 -8.91 9.65
C GLN A 207 10.12 -8.26 10.63
N MET A 208 10.60 -7.59 11.66
CA MET A 208 9.68 -7.07 12.69
C MET A 208 9.15 -5.68 12.30
N TYR A 209 8.51 -5.60 11.12
CA TYR A 209 8.05 -4.32 10.54
C TYR A 209 6.59 -4.06 10.94
N ASP A 210 6.04 -2.94 10.47
CA ASP A 210 4.69 -2.53 10.87
C ASP A 210 4.00 -1.68 9.78
N TYR A 211 2.97 -0.94 10.18
CA TYR A 211 2.21 0.00 9.33
C TYR A 211 3.07 0.94 8.51
N SER A 212 4.22 1.32 9.07
CA SER A 212 5.19 2.22 8.43
C SER A 212 5.70 1.72 7.07
N LEU A 213 5.64 0.40 6.84
CA LEU A 213 5.92 -0.15 5.53
C LEU A 213 5.10 0.53 4.42
N ASP A 214 3.81 0.77 4.69
CA ASP A 214 2.91 1.37 3.71
C ASP A 214 3.27 2.81 3.40
N MET A 215 3.90 3.48 4.35
CA MET A 215 4.27 4.88 4.22
C MET A 215 5.53 5.05 3.35
N TRP A 216 6.42 4.06 3.37
CA TRP A 216 7.50 4.00 2.38
C TRP A 216 6.93 3.89 0.95
N SER A 217 6.02 2.94 0.76
CA SER A 217 5.34 2.74 -0.53
C SER A 217 4.68 4.00 -1.03
N LEU A 218 3.94 4.66 -0.15
CA LEU A 218 3.31 5.93 -0.47
C LEU A 218 4.36 6.96 -0.91
N GLY A 219 5.48 7.03 -0.20
CA GLY A 219 6.60 7.90 -0.57
C GLY A 219 7.11 7.67 -1.98
N CYS A 220 7.28 6.41 -2.37
CA CYS A 220 7.70 6.06 -3.74
C CYS A 220 6.69 6.52 -4.79
N MET A 221 5.39 6.33 -4.49
N MET A 221 5.40 6.34 -4.48
CA MET A 221 4.31 6.81 -5.35
CA MET A 221 4.31 6.82 -5.32
C MET A 221 4.38 8.34 -5.50
C MET A 221 4.36 8.33 -5.49
N LEU A 222 4.54 9.04 -4.37
CA LEU A 222 4.62 10.51 -4.40
C LEU A 222 5.81 11.01 -5.21
N ALA A 223 6.98 10.43 -4.98
CA ALA A 223 8.20 10.79 -5.70
C ALA A 223 8.00 10.63 -7.21
N SER A 224 7.44 9.48 -7.59
CA SER A 224 7.11 9.20 -8.97
C SER A 224 6.23 10.26 -9.62
N MET A 225 5.21 10.72 -8.91
N MET A 225 5.21 10.73 -8.90
CA MET A 225 4.23 11.69 -9.42
CA MET A 225 4.24 11.70 -9.44
C MET A 225 4.80 13.11 -9.55
C MET A 225 4.78 13.12 -9.55
N ILE A 226 5.42 13.62 -8.48
CA ILE A 226 5.95 14.99 -8.48
C ILE A 226 7.19 15.16 -9.38
N PHE A 227 8.00 14.11 -9.50
CA PHE A 227 9.17 14.14 -10.38
C PHE A 227 8.94 13.58 -11.80
N ARG A 228 7.77 12.99 -12.05
N ARG A 228 7.77 12.99 -12.05
CA ARG A 228 7.45 12.35 -13.33
CA ARG A 228 7.45 12.35 -13.33
C ARG A 228 8.51 11.31 -13.70
C ARG A 228 8.50 11.30 -13.70
N LYS A 229 8.78 10.40 -12.77
CA LYS A 229 9.80 9.36 -12.93
C LYS A 229 9.22 8.04 -12.45
N GLU A 230 8.94 7.13 -13.38
CA GLU A 230 8.24 5.89 -13.11
C GLU A 230 9.11 4.68 -13.46
N PRO A 231 9.54 3.90 -12.46
CA PRO A 231 9.45 4.13 -11.01
C PRO A 231 10.51 5.12 -10.55
N PHE A 232 10.37 5.65 -9.33
CA PHE A 232 11.41 6.54 -8.81
C PHE A 232 12.70 5.79 -8.50
N PHE A 233 12.59 4.65 -7.81
CA PHE A 233 13.74 3.77 -7.55
C PHE A 233 13.64 2.54 -8.47
N HIS A 234 14.42 2.55 -9.55
CA HIS A 234 14.27 1.61 -10.67
C HIS A 234 15.33 0.50 -10.64
N GLY A 235 15.19 -0.43 -9.69
CA GLY A 235 16.15 -1.53 -9.54
C GLY A 235 15.96 -2.69 -10.51
N HIS A 236 17.06 -3.35 -10.86
CA HIS A 236 17.05 -4.59 -11.67
C HIS A 236 16.49 -5.78 -10.92
N ASP A 237 16.69 -5.77 -9.61
CA ASP A 237 16.32 -6.89 -8.75
C ASP A 237 16.27 -6.35 -7.32
N ASN A 238 15.92 -7.20 -6.37
CA ASN A 238 15.80 -6.77 -4.97
C ASN A 238 17.10 -6.21 -4.36
N TYR A 239 18.26 -6.71 -4.81
CA TYR A 239 19.54 -6.25 -4.29
C TYR A 239 19.90 -4.89 -4.88
N ASP A 240 19.73 -4.75 -6.19
CA ASP A 240 19.97 -3.46 -6.87
C ASP A 240 18.96 -2.39 -6.46
N GLN A 241 17.76 -2.80 -6.04
CA GLN A 241 16.74 -1.87 -5.55
C GLN A 241 17.27 -1.05 -4.38
N LEU A 242 17.93 -1.73 -3.44
CA LEU A 242 18.55 -1.06 -2.30
C LEU A 242 19.68 -0.14 -2.73
N VAL A 243 20.43 -0.53 -3.77
CA VAL A 243 21.49 0.32 -4.32
C VAL A 243 20.90 1.60 -4.90
N ARG A 244 19.77 1.49 -5.63
CA ARG A 244 19.12 2.69 -6.20
C ARG A 244 18.71 3.66 -5.11
N ILE A 245 18.17 3.11 -4.02
CA ILE A 245 17.78 3.89 -2.88
C ILE A 245 19.02 4.52 -2.24
N ALA A 246 20.08 3.72 -2.08
CA ALA A 246 21.34 4.20 -1.47
C ALA A 246 21.93 5.39 -2.19
N LYS A 247 21.79 5.44 -3.52
CA LYS A 247 22.29 6.55 -4.32
C LYS A 247 21.53 7.87 -4.14
N VAL A 248 20.32 7.82 -3.56
CA VAL A 248 19.52 9.01 -3.29
C VAL A 248 19.58 9.36 -1.80
N LEU A 249 19.20 8.41 -0.95
CA LEU A 249 19.16 8.62 0.49
C LEU A 249 20.54 8.66 1.16
N GLY A 250 21.56 8.12 0.49
CA GLY A 250 22.93 8.07 1.00
C GLY A 250 23.21 6.79 1.76
N THR A 251 24.49 6.45 1.87
CA THR A 251 24.93 5.28 2.63
C THR A 251 25.12 5.49 4.15
N GLU A 252 25.33 6.73 4.58
N GLU A 252 25.33 6.73 4.59
CA GLU A 252 25.51 7.03 6.01
CA GLU A 252 25.51 7.02 6.02
C GLU A 252 24.28 6.68 6.84
C GLU A 252 24.28 6.66 6.84
N ASP A 253 23.11 7.15 6.41
CA ASP A 253 21.85 6.84 7.09
C ASP A 253 21.52 5.35 6.96
N LEU A 254 21.89 4.74 5.82
CA LEU A 254 21.66 3.31 5.63
C LEU A 254 22.43 2.50 6.67
N TYR A 255 23.73 2.75 6.78
CA TYR A 255 24.57 1.97 7.70
C TYR A 255 24.26 2.24 9.18
N ASP A 256 23.90 3.49 9.52
CA ASP A 256 23.39 3.79 10.87
C ASP A 256 22.11 3.01 11.18
N TYR A 257 21.23 2.89 10.19
CA TYR A 257 20.01 2.08 10.32
C TYR A 257 20.32 0.59 10.54
N ILE A 258 21.27 0.06 9.78
CA ILE A 258 21.72 -1.33 9.95
C ILE A 258 22.27 -1.55 11.37
N ASP A 259 23.12 -0.63 11.83
CA ASP A 259 23.68 -0.69 13.19
C ASP A 259 22.63 -0.55 14.28
N LYS A 260 21.66 0.37 14.10
CA LYS A 260 20.60 0.59 15.11
C LYS A 260 19.81 -0.68 15.43
N TYR A 261 19.39 -1.39 14.39
CA TYR A 261 18.61 -2.63 14.56
C TYR A 261 19.45 -3.91 14.55
N ASN A 262 20.77 -3.78 14.44
CA ASN A 262 21.69 -4.91 14.41
C ASN A 262 21.32 -5.92 13.34
N ILE A 263 21.08 -5.38 12.15
CA ILE A 263 20.66 -6.18 11.01
C ILE A 263 21.91 -6.80 10.42
N GLU A 264 21.82 -8.10 10.11
CA GLU A 264 22.90 -8.81 9.45
C GLU A 264 22.67 -8.64 7.95
N LEU A 265 23.53 -7.85 7.31
CA LEU A 265 23.35 -7.53 5.91
C LEU A 265 23.82 -8.69 5.04
N ASP A 266 22.97 -9.10 4.09
CA ASP A 266 23.27 -10.21 3.17
C ASP A 266 24.61 -9.92 2.47
N PRO A 267 25.53 -10.92 2.41
CA PRO A 267 26.88 -10.68 1.89
C PRO A 267 26.99 -10.13 0.45
N ARG A 268 25.99 -10.39 -0.40
N ARG A 268 25.99 -10.40 -0.39
CA ARG A 268 25.93 -9.84 -1.75
CA ARG A 268 25.92 -9.84 -1.75
C ARG A 268 25.95 -8.30 -1.80
C ARG A 268 25.96 -8.30 -1.79
N PHE A 269 25.41 -7.66 -0.76
CA PHE A 269 25.43 -6.19 -0.64
C PHE A 269 26.82 -5.58 -0.42
N ASN A 270 27.76 -6.37 0.11
CA ASN A 270 29.08 -5.89 0.52
C ASN A 270 29.81 -5.03 -0.51
N ASP A 271 29.74 -5.43 -1.79
CA ASP A 271 30.43 -4.71 -2.87
C ASP A 271 29.56 -3.68 -3.58
N ILE A 272 28.26 -3.94 -3.69
CA ILE A 272 27.37 -3.15 -4.55
C ILE A 272 26.85 -1.84 -3.96
N LEU A 273 26.72 -1.74 -2.63
CA LEU A 273 26.21 -0.51 -2.00
C LEU A 273 27.15 0.68 -2.14
N GLY A 274 28.45 0.46 -1.97
CA GLY A 274 29.45 1.51 -2.13
C GLY A 274 29.34 2.60 -1.09
N ARG A 275 29.64 3.83 -1.51
CA ARG A 275 29.56 5.02 -0.65
C ARG A 275 28.93 6.14 -1.43
N HIS A 276 27.85 6.70 -0.91
CA HIS A 276 27.09 7.75 -1.58
C HIS A 276 26.58 8.81 -0.61
N SER A 277 26.63 10.06 -1.04
CA SER A 277 26.08 11.17 -0.28
C SER A 277 24.56 11.16 -0.36
N ARG A 278 23.92 11.84 0.59
CA ARG A 278 22.49 12.05 0.55
C ARG A 278 22.25 13.18 -0.42
N LYS A 279 21.52 12.90 -1.50
CA LYS A 279 21.31 13.89 -2.56
C LYS A 279 20.17 14.83 -2.21
N ARG A 280 20.34 16.11 -2.53
CA ARG A 280 19.28 17.09 -2.36
C ARG A 280 18.25 16.84 -3.46
N TRP A 281 16.97 17.03 -3.09
CA TRP A 281 15.84 16.71 -3.97
C TRP A 281 15.82 17.54 -5.25
N GLU A 282 16.37 18.75 -5.18
CA GLU A 282 16.55 19.64 -6.34
C GLU A 282 17.18 18.95 -7.57
N ARG A 283 18.08 18.01 -7.31
CA ARG A 283 18.69 17.15 -8.35
C ARG A 283 17.67 16.55 -9.35
N PHE A 284 16.48 16.24 -8.87
CA PHE A 284 15.46 15.59 -9.70
C PHE A 284 14.46 16.55 -10.38
N VAL A 285 14.57 17.84 -10.07
CA VAL A 285 13.64 18.84 -10.59
C VAL A 285 14.15 19.33 -11.94
N HIS A 286 13.28 19.30 -12.95
CA HIS A 286 13.56 19.83 -14.29
C HIS A 286 12.34 20.61 -14.80
N SER A 287 12.41 21.12 -16.03
CA SER A 287 11.38 22.01 -16.58
C SER A 287 10.02 21.33 -16.76
N GLU A 288 10.02 20.07 -17.16
CA GLU A 288 8.78 19.29 -17.30
C GLU A 288 8.11 18.80 -15.99
N ASN A 289 8.76 18.97 -14.83
CA ASN A 289 8.12 18.64 -13.53
C ASN A 289 8.10 19.73 -12.43
N GLN A 290 8.70 20.90 -12.70
N GLN A 290 8.70 20.90 -12.68
CA GLN A 290 8.86 21.97 -11.70
CA GLN A 290 8.87 21.92 -11.65
C GLN A 290 7.54 22.48 -11.15
C GLN A 290 7.54 22.50 -11.14
N HIS A 291 6.50 22.47 -11.98
CA HIS A 291 5.13 22.84 -11.56
C HIS A 291 4.47 21.94 -10.50
N LEU A 292 4.96 20.70 -10.36
CA LEU A 292 4.48 19.74 -9.36
C LEU A 292 5.33 19.74 -8.09
N VAL A 293 6.50 20.38 -8.14
CA VAL A 293 7.46 20.35 -7.06
C VAL A 293 7.41 21.68 -6.34
N SER A 294 7.40 21.61 -5.01
CA SER A 294 7.36 22.79 -4.17
C SER A 294 8.12 22.45 -2.89
N PRO A 295 8.52 23.48 -2.12
CA PRO A 295 9.11 23.24 -0.80
C PRO A 295 8.27 22.32 0.11
N GLU A 296 6.95 22.50 0.12
N GLU A 296 6.95 22.52 0.11
CA GLU A 296 6.06 21.68 0.93
CA GLU A 296 6.04 21.69 0.90
C GLU A 296 6.10 20.21 0.48
C GLU A 296 6.09 20.22 0.49
N ALA A 297 6.04 19.98 -0.83
CA ALA A 297 6.10 18.60 -1.38
C ALA A 297 7.41 17.89 -1.01
N LEU A 298 8.53 18.59 -1.12
CA LEU A 298 9.84 18.01 -0.82
C LEU A 298 10.00 17.71 0.66
N ASP A 299 9.60 18.67 1.50
CA ASP A 299 9.61 18.47 2.94
C ASP A 299 8.75 17.26 3.34
N PHE A 300 7.56 17.13 2.73
CA PHE A 300 6.68 15.99 2.95
C PHE A 300 7.30 14.68 2.47
N LEU A 301 7.79 14.66 1.24
CA LEU A 301 8.43 13.47 0.66
C LEU A 301 9.60 13.01 1.50
N ASP A 302 10.45 13.95 1.89
CA ASP A 302 11.61 13.65 2.71
C ASP A 302 11.26 12.88 4.00
N LYS A 303 10.14 13.27 4.63
N LYS A 303 10.15 13.27 4.63
CA LYS A 303 9.68 12.65 5.86
CA LYS A 303 9.67 12.66 5.86
C LYS A 303 8.96 11.30 5.68
C LYS A 303 9.02 11.28 5.68
N LEU A 304 8.71 10.90 4.43
CA LEU A 304 8.21 9.56 4.11
C LEU A 304 9.35 8.61 3.80
N LEU A 305 10.29 9.03 2.96
CA LEU A 305 11.37 8.16 2.51
C LEU A 305 12.56 8.16 3.49
N ARG A 306 12.40 7.40 4.57
CA ARG A 306 13.45 7.21 5.58
C ARG A 306 13.73 5.74 5.71
N TYR A 307 15.02 5.37 5.75
CA TYR A 307 15.43 4.00 6.04
C TYR A 307 14.79 3.51 7.32
N ASP A 308 14.90 4.30 8.37
CA ASP A 308 14.37 3.91 9.65
C ASP A 308 12.86 4.05 9.62
N HIS A 309 12.19 2.90 9.60
CA HIS A 309 10.73 2.84 9.63
C HIS A 309 10.05 3.62 10.77
N GLN A 310 10.70 3.67 11.94
N GLN A 310 10.70 3.68 11.94
CA GLN A 310 10.22 4.48 13.08
CA GLN A 310 10.21 4.49 13.08
C GLN A 310 10.27 6.00 12.84
C GLN A 310 10.24 6.00 12.80
N SER A 311 11.18 6.45 11.99
CA SER A 311 11.32 7.86 11.65
C SER A 311 10.29 8.39 10.66
N ARG A 312 9.61 7.51 9.93
CA ARG A 312 8.65 7.94 8.90
C ARG A 312 7.39 8.50 9.54
N LEU A 313 6.75 9.44 8.86
CA LEU A 313 5.44 9.94 9.28
C LEU A 313 4.45 8.80 9.33
N THR A 314 3.59 8.83 10.35
CA THR A 314 2.39 8.00 10.40
C THR A 314 1.42 8.58 9.37
N ALA A 315 0.38 7.82 9.04
CA ALA A 315 -0.63 8.32 8.10
C ALA A 315 -1.27 9.62 8.60
N ARG A 316 -1.65 9.67 9.88
CA ARG A 316 -2.27 10.89 10.46
C ARG A 316 -1.31 12.09 10.51
N GLU A 317 -0.06 11.87 10.90
CA GLU A 317 0.96 12.91 10.81
C GLU A 317 1.11 13.45 9.38
N ALA A 318 1.11 12.53 8.39
CA ALA A 318 1.16 12.92 6.99
C ALA A 318 -0.01 13.83 6.61
N MET A 319 -1.20 13.47 7.06
CA MET A 319 -2.42 14.25 6.81
C MET A 319 -2.40 15.66 7.43
N GLU A 320 -1.59 15.85 8.47
CA GLU A 320 -1.41 17.15 9.13
C GLU A 320 -0.32 18.04 8.51
N HIS A 321 0.38 17.54 7.48
CA HIS A 321 1.48 18.29 6.85
C HIS A 321 0.98 19.51 6.03
N PRO A 322 1.78 20.62 5.98
CA PRO A 322 1.46 21.82 5.19
C PRO A 322 1.07 21.61 3.74
N TYR A 323 1.81 20.73 3.06
CA TYR A 323 1.44 20.18 1.74
C TYR A 323 -0.05 19.96 1.50
N PHE A 324 -0.79 19.54 2.54
CA PHE A 324 -2.24 19.30 2.42
C PHE A 324 -3.19 20.43 2.89
N TYR A 325 -2.66 21.58 3.34
CA TYR A 325 -3.50 22.64 3.92
C TYR A 325 -4.63 23.13 3.02
N THR A 326 -4.34 23.37 1.75
CA THR A 326 -5.39 23.82 0.82
C THR A 326 -6.43 22.71 0.55
N VAL A 327 -6.00 21.45 0.55
CA VAL A 327 -6.94 20.33 0.47
C VAL A 327 -7.85 20.26 1.70
N VAL A 328 -7.27 20.42 2.89
CA VAL A 328 -8.07 20.39 4.12
C VAL A 328 -9.08 21.55 4.18
N LYS A 329 -8.60 22.76 3.86
CA LYS A 329 -9.44 23.95 3.74
C LYS A 329 -10.62 23.74 2.79
N ASP A 330 -10.32 23.31 1.56
N ASP A 330 -10.33 23.29 1.56
CA ASP A 330 -11.34 23.05 0.52
CA ASP A 330 -11.36 23.06 0.54
C ASP A 330 -12.36 21.98 0.92
C ASP A 330 -12.36 21.97 0.91
N GLN A 331 -11.90 20.97 1.66
CA GLN A 331 -12.77 19.86 2.13
C GLN A 331 -13.79 20.35 3.15
N ALA A 332 -13.38 21.26 4.04
CA ALA A 332 -14.28 21.84 5.04
C ALA A 332 -15.39 22.70 4.41
N ARG A 333 -15.09 23.34 3.28
CA ARG A 333 -16.09 24.14 2.55
C ARG A 333 -17.20 23.31 1.90
N MET A 334 -16.85 22.13 1.37
CA MET A 334 -17.84 21.22 0.75
C MET A 334 -18.80 20.62 1.77
C1 7M0 B . -10.85 -4.76 -8.27
C2 7M0 B . -11.64 -4.69 -7.12
C3 7M0 B . -11.24 -5.36 -5.97
C4 7M0 B . -9.66 -5.49 -8.24
N5 7M0 B . -8.24 -6.88 -6.80
C6 7M0 B . -9.30 -6.14 -7.10
C7 7M0 B . -10.08 -6.07 -5.98
N8 7M0 B . -9.48 -6.78 -5.03
N9 7M0 B . -8.36 -7.27 -5.56
BR1 7M0 B . -11.32 -3.85 -9.85
BR2 7M0 B . -13.24 -3.73 -7.12
C1 7M0 C . -19.18 -17.24 -12.05
C2 7M0 C . -18.32 -16.96 -11.01
C3 7M0 C . -17.08 -17.58 -10.95
C4 7M0 C . -18.80 -18.15 -13.03
N5 7M0 C . -16.98 -19.63 -13.74
C6 7M0 C . -17.59 -18.74 -12.97
C7 7M0 C . -16.74 -18.47 -11.93
N8 7M0 C . -15.64 -19.18 -12.12
N9 7M0 C . -15.79 -19.89 -13.24
BR1 7M0 C . -20.85 -16.42 -12.11
BR2 7M0 C . -18.85 -15.74 -9.68
CL CL D . 2.30 -13.35 4.16
C1 PEG E . -34.72 -6.35 -9.97
O1 PEG E . -34.01 -5.17 -10.37
C2 PEG E . -34.36 -7.53 -10.87
O2 PEG E . -35.16 -8.65 -10.49
C3 PEG E . -34.97 -9.79 -11.33
C4 PEG E . -36.01 -10.86 -10.96
O4 PEG E . -35.53 -12.17 -11.32
O1 PG4 F . -19.34 0.16 14.25
C1 PG4 F . -18.14 -0.12 13.52
C2 PG4 F . -18.46 -0.32 12.05
O2 PG4 F . -18.95 0.89 11.47
C3 PG4 F . -19.29 0.79 10.10
C4 PG4 F . -18.12 1.25 9.24
O3 PG4 F . -17.94 2.66 9.43
C5 PG4 F . -16.59 3.07 9.66
C6 PG4 F . -16.48 4.55 9.36
O4 PG4 F . -15.32 5.11 9.98
C7 PG4 F . -15.14 6.49 9.61
C8 PG4 F . -14.01 7.10 10.41
O5 PG4 F . -12.85 7.31 9.59
C1 PGE G . -9.00 6.30 11.54
O1 PGE G . -9.04 7.14 10.37
C2 PGE G . -10.07 6.74 12.54
O2 PGE G . -10.56 5.60 13.25
C3 PGE G . -11.94 5.32 12.93
C4 PGE G . -12.52 4.13 13.67
O4 PGE G . -10.80 1.84 17.47
C6 PGE G . -10.94 1.77 16.05
C5 PGE G . -11.87 2.88 15.58
O3 PGE G . -11.50 3.31 14.28
#